data_1FYR
#
_entry.id   1FYR
#
_cell.length_a   77.610
_cell.length_b   77.610
_cell.length_c   183.470
_cell.angle_alpha   90.00
_cell.angle_beta   90.00
_cell.angle_gamma   90.00
#
_symmetry.space_group_name_H-M   'P 43 21 2'
#
loop_
_entity.id
_entity.type
_entity.pdbx_description
1 polymer 'GROWTH FACTOR RECEPTOR-BOUND PROTEIN 2'
2 polymer 'HEPATOCYTE GROWTH FACTOR RECEPTOR PEPTIDE'
3 water water
#
loop_
_entity_poly.entity_id
_entity_poly.type
_entity_poly.pdbx_seq_one_letter_code
_entity_poly.pdbx_strand_id
1 'polypeptide(L)'
;GSKNYIEMKPHPWFFGKIPRAKAEEMLSKQRHDGAFLIRESESAPGDFSLSVKFGNDVQHFKVLRDGAGKYFLWVVKFNS
LNELVDYHRSTSVSRNQQIFLRDIEQVPQQPTYV
;
A,B,C,D
2 'polypeptide(L)' (ACE)(PTR)VNV I,J,K,L
#
loop_
_chem_comp.id
_chem_comp.type
_chem_comp.name
_chem_comp.formula
ACE non-polymer 'ACETYL GROUP' 'C2 H4 O'
#
# COMPACT_ATOMS: atom_id res chain seq x y z
N HIS A 11 -24.73 -2.20 9.16
CA HIS A 11 -23.32 -1.70 9.10
C HIS A 11 -23.23 -0.28 9.68
N PRO A 12 -22.28 -0.05 10.60
CA PRO A 12 -22.06 1.24 11.25
C PRO A 12 -21.48 2.35 10.37
N TRP A 13 -21.12 2.03 9.13
CA TRP A 13 -20.60 3.04 8.23
C TRP A 13 -21.68 3.50 7.26
N PHE A 14 -22.80 2.79 7.25
CA PHE A 14 -23.90 3.14 6.38
C PHE A 14 -24.77 4.18 7.09
N PHE A 15 -25.14 5.24 6.39
CA PHE A 15 -25.95 6.30 6.97
C PHE A 15 -27.19 6.65 6.18
N GLY A 16 -27.69 5.69 5.42
CA GLY A 16 -28.90 5.93 4.63
C GLY A 16 -28.97 7.23 3.86
N LYS A 17 -30.06 7.97 4.05
CA LYS A 17 -30.29 9.21 3.32
C LYS A 17 -29.71 10.52 3.84
N ILE A 18 -28.59 10.46 4.55
CA ILE A 18 -27.99 11.70 5.04
C ILE A 18 -27.53 12.50 3.81
N PRO A 19 -27.93 13.78 3.73
CA PRO A 19 -27.57 14.66 2.60
C PRO A 19 -26.05 14.86 2.45
N ARG A 20 -25.59 15.08 1.22
CA ARG A 20 -24.16 15.30 0.99
C ARG A 20 -23.62 16.38 1.93
N ALA A 21 -24.40 17.45 2.14
CA ALA A 21 -23.99 18.55 3.00
C ALA A 21 -23.82 18.12 4.45
N LYS A 22 -24.74 17.30 4.93
CA LYS A 22 -24.64 16.82 6.30
C LYS A 22 -23.49 15.82 6.47
N ALA A 23 -23.22 15.03 5.43
CA ALA A 23 -22.12 14.06 5.48
C ALA A 23 -20.81 14.84 5.61
N GLU A 24 -20.73 15.98 4.93
CA GLU A 24 -19.52 16.80 5.01
C GLU A 24 -19.35 17.41 6.40
N GLU A 25 -20.44 17.96 6.96
CA GLU A 25 -20.39 18.57 8.29
C GLU A 25 -19.91 17.54 9.29
N MET A 26 -20.52 16.36 9.24
CA MET A 26 -20.17 15.26 10.14
C MET A 26 -18.73 14.78 9.97
N LEU A 27 -18.32 14.57 8.73
CA LEU A 27 -16.98 14.09 8.46
C LEU A 27 -15.89 15.11 8.74
N SER A 28 -16.20 16.39 8.55
CA SER A 28 -15.23 17.45 8.76
C SER A 28 -14.79 17.57 10.23
N LYS A 29 -15.56 16.98 11.14
CA LYS A 29 -15.23 17.03 12.56
C LYS A 29 -14.47 15.81 13.07
N GLN A 30 -14.13 14.89 12.16
CA GLN A 30 -13.36 13.69 12.52
C GLN A 30 -11.89 14.08 12.44
N ARG A 31 -11.05 13.45 13.26
CA ARG A 31 -9.63 13.79 13.27
C ARG A 31 -8.74 12.99 12.33
N HIS A 32 -9.16 11.76 12.05
CA HIS A 32 -8.38 10.87 11.19
C HIS A 32 -8.76 10.88 9.72
N ASP A 33 -7.75 11.04 8.86
CA ASP A 33 -7.98 11.00 7.42
C ASP A 33 -8.47 9.57 7.15
N GLY A 34 -9.46 9.43 6.29
CA GLY A 34 -9.98 8.11 6.00
C GLY A 34 -11.34 7.85 6.61
N ALA A 35 -11.71 8.64 7.63
CA ALA A 35 -13.02 8.51 8.28
C ALA A 35 -14.07 8.65 7.19
N PHE A 36 -14.95 7.67 7.08
CA PHE A 36 -15.93 7.68 6.01
C PHE A 36 -17.32 7.23 6.40
N LEU A 37 -18.19 7.24 5.40
CA LEU A 37 -19.57 6.81 5.55
C LEU A 37 -20.09 6.59 4.14
N ILE A 38 -21.07 5.70 4.01
CA ILE A 38 -21.70 5.42 2.72
C ILE A 38 -23.12 5.93 2.90
N ARG A 39 -23.64 6.58 1.87
CA ARG A 39 -24.98 7.14 1.92
C ARG A 39 -25.66 6.97 0.58
N GLU A 40 -26.98 7.06 0.58
CA GLU A 40 -27.72 6.95 -0.67
C GLU A 40 -27.45 8.25 -1.40
N SER A 41 -27.10 8.14 -2.68
CA SER A 41 -26.81 9.32 -3.48
C SER A 41 -28.01 10.26 -3.54
N GLU A 42 -27.76 11.56 -3.45
CA GLU A 42 -28.88 12.47 -3.53
C GLU A 42 -29.09 12.95 -4.98
N SER A 43 -28.00 13.13 -5.72
CA SER A 43 -28.12 13.57 -7.11
C SER A 43 -28.46 12.40 -8.05
N ALA A 44 -28.24 11.17 -7.59
CA ALA A 44 -28.55 9.98 -8.39
C ALA A 44 -29.26 8.94 -7.52
N PRO A 45 -30.61 9.00 -7.49
CA PRO A 45 -31.43 8.06 -6.71
C PRO A 45 -31.13 6.61 -7.04
N GLY A 46 -30.99 5.78 -6.03
CA GLY A 46 -30.68 4.37 -6.24
C GLY A 46 -29.20 4.06 -6.11
N ASP A 47 -28.36 5.04 -6.39
CA ASP A 47 -26.92 4.85 -6.29
C ASP A 47 -26.43 5.05 -4.86
N PHE A 48 -25.17 4.72 -4.64
CA PHE A 48 -24.55 4.89 -3.34
C PHE A 48 -23.36 5.83 -3.50
N SER A 49 -23.05 6.56 -2.44
CA SER A 49 -21.93 7.50 -2.45
C SER A 49 -21.08 7.29 -1.23
N LEU A 50 -19.76 7.30 -1.44
CA LEU A 50 -18.80 7.14 -0.37
C LEU A 50 -18.27 8.54 -0.06
N SER A 51 -18.35 8.95 1.20
CA SER A 51 -17.85 10.26 1.61
C SER A 51 -16.71 9.98 2.58
N VAL A 52 -15.58 10.63 2.36
CA VAL A 52 -14.39 10.41 3.18
C VAL A 52 -13.63 11.68 3.52
N LYS A 53 -13.13 11.76 4.75
CA LYS A 53 -12.36 12.93 5.16
C LYS A 53 -10.91 12.80 4.70
N PHE A 54 -10.31 13.92 4.34
CA PHE A 54 -8.91 13.94 3.95
C PHE A 54 -8.44 15.38 3.96
N GLY A 55 -7.62 15.72 4.96
CA GLY A 55 -7.14 17.08 5.09
C GLY A 55 -8.29 17.94 5.57
N ASN A 56 -8.44 19.12 5.00
CA ASN A 56 -9.54 20.02 5.38
C ASN A 56 -10.68 19.83 4.39
N ASP A 57 -10.66 18.73 3.66
CA ASP A 57 -11.71 18.44 2.69
C ASP A 57 -12.45 17.17 3.02
N VAL A 58 -13.54 16.97 2.28
CA VAL A 58 -14.35 15.78 2.37
C VAL A 58 -14.50 15.43 0.90
N GLN A 59 -14.03 14.26 0.53
CA GLN A 59 -14.10 13.81 -0.85
C GLN A 59 -15.27 12.86 -1.02
N HIS A 60 -15.91 12.94 -2.18
CA HIS A 60 -17.05 12.08 -2.46
C HIS A 60 -16.76 11.18 -3.65
N PHE A 61 -17.12 9.91 -3.52
CA PHE A 61 -16.91 8.96 -4.59
C PHE A 61 -18.23 8.29 -4.92
N LYS A 62 -18.48 8.09 -6.20
CA LYS A 62 -19.69 7.41 -6.63
C LYS A 62 -19.39 5.92 -6.67
N VAL A 63 -20.25 5.10 -6.07
CA VAL A 63 -20.05 3.67 -6.08
C VAL A 63 -20.58 3.19 -7.42
N LEU A 64 -19.67 2.73 -8.28
CA LEU A 64 -20.04 2.25 -9.61
C LEU A 64 -20.59 0.81 -9.56
N ARG A 65 -21.41 0.49 -10.56
CA ARG A 65 -22.02 -0.85 -10.69
C ARG A 65 -21.88 -1.31 -12.14
N ASP A 66 -22.05 -2.61 -12.37
CA ASP A 66 -21.98 -3.16 -13.73
C ASP A 66 -23.20 -4.05 -13.95
N GLY A 67 -23.35 -4.58 -15.15
CA GLY A 67 -24.48 -5.44 -15.44
C GLY A 67 -24.71 -6.53 -14.42
N ALA A 68 -23.62 -7.18 -14.01
CA ALA A 68 -23.68 -8.25 -13.03
C ALA A 68 -23.99 -7.71 -11.64
N GLY A 69 -24.26 -6.41 -11.55
CA GLY A 69 -24.56 -5.79 -10.28
C GLY A 69 -23.38 -5.77 -9.32
N LYS A 70 -22.16 -5.59 -9.84
CA LYS A 70 -20.98 -5.55 -8.99
C LYS A 70 -20.69 -4.14 -8.46
N TYR A 71 -19.83 -4.06 -7.45
CA TYR A 71 -19.47 -2.79 -6.83
C TYR A 71 -17.98 -2.48 -6.95
N PHE A 72 -17.66 -1.26 -7.37
CA PHE A 72 -16.26 -0.84 -7.52
C PHE A 72 -16.17 0.68 -7.63
N LEU A 73 -15.02 1.23 -7.26
CA LEU A 73 -14.85 2.68 -7.32
C LEU A 73 -14.19 3.12 -8.62
N TRP A 74 -13.29 2.29 -9.15
CA TRP A 74 -12.60 2.62 -10.39
C TRP A 74 -12.44 1.43 -11.29
N VAL A 75 -12.25 1.71 -12.57
CA VAL A 75 -11.98 0.71 -13.58
C VAL A 75 -10.59 1.12 -14.04
N VAL A 76 -9.58 0.34 -13.65
CA VAL A 76 -8.20 0.63 -14.02
C VAL A 76 -7.76 -0.26 -15.18
N LYS A 77 -7.57 0.35 -16.34
CA LYS A 77 -7.16 -0.34 -17.57
C LYS A 77 -6.17 0.50 -18.37
N PHE A 78 -5.54 -0.10 -19.37
CA PHE A 78 -4.56 0.65 -20.15
C PHE A 78 -4.70 0.54 -21.67
N ASN A 79 -4.27 1.59 -22.34
CA ASN A 79 -4.32 1.65 -23.79
C ASN A 79 -3.15 0.95 -24.46
N SER A 80 -2.11 0.63 -23.70
CA SER A 80 -0.93 -0.02 -24.24
C SER A 80 -0.17 -0.82 -23.20
N LEU A 81 0.65 -1.75 -23.67
CA LEU A 81 1.49 -2.56 -22.79
C LEU A 81 2.48 -1.61 -22.10
N ASN A 82 2.87 -0.57 -22.82
CA ASN A 82 3.83 0.41 -22.30
C ASN A 82 3.29 1.06 -21.04
N GLU A 83 2.01 1.46 -21.08
CA GLU A 83 1.37 2.13 -19.94
C GLU A 83 1.06 1.18 -18.80
N LEU A 84 0.73 -0.07 -19.13
CA LEU A 84 0.44 -1.06 -18.11
C LEU A 84 1.72 -1.30 -17.32
N VAL A 85 2.83 -1.45 -18.03
CA VAL A 85 4.13 -1.68 -17.41
C VAL A 85 4.54 -0.52 -16.49
N ASP A 86 4.57 0.70 -17.02
CA ASP A 86 4.96 1.86 -16.22
C ASP A 86 4.08 2.01 -14.98
N TYR A 87 2.78 1.76 -15.13
CA TYR A 87 1.86 1.86 -14.01
C TYR A 87 2.29 0.91 -12.87
N HIS A 88 2.61 -0.32 -13.22
CA HIS A 88 3.00 -1.31 -12.23
C HIS A 88 4.44 -1.19 -11.73
N ARG A 89 5.07 -0.06 -12.00
CA ARG A 89 6.42 0.21 -11.52
C ARG A 89 6.24 0.79 -10.12
N SER A 90 5.03 1.30 -9.87
CA SER A 90 4.69 1.91 -8.58
C SER A 90 3.44 1.30 -7.93
N THR A 91 2.70 0.49 -8.67
CA THR A 91 1.53 -0.18 -8.10
C THR A 91 1.78 -1.65 -8.33
N SER A 92 1.70 -2.43 -7.25
CA SER A 92 1.97 -3.86 -7.29
C SER A 92 1.20 -4.66 -8.34
N VAL A 93 1.89 -5.67 -8.89
CA VAL A 93 1.29 -6.54 -9.89
C VAL A 93 0.55 -7.67 -9.15
N SER A 94 0.98 -7.95 -7.93
CA SER A 94 0.37 -9.00 -7.12
C SER A 94 -0.64 -8.48 -6.11
N ARG A 95 -1.66 -9.28 -5.86
CA ARG A 95 -2.70 -8.95 -4.88
C ARG A 95 -2.25 -9.31 -3.48
N ASN A 96 -1.53 -10.42 -3.34
CA ASN A 96 -1.09 -10.86 -2.03
C ASN A 96 0.37 -10.55 -1.69
N GLN A 97 1.11 -10.03 -2.65
CA GLN A 97 2.51 -9.70 -2.40
C GLN A 97 2.86 -8.32 -2.97
N GLN A 98 3.96 -7.75 -2.51
CA GLN A 98 4.40 -6.44 -2.96
C GLN A 98 5.40 -6.56 -4.09
N ILE A 99 4.91 -6.64 -5.33
CA ILE A 99 5.79 -6.77 -6.49
C ILE A 99 5.68 -5.57 -7.43
N PHE A 100 6.72 -4.75 -7.41
CA PHE A 100 6.77 -3.55 -8.24
C PHE A 100 7.78 -3.80 -9.36
N LEU A 101 7.32 -3.62 -10.60
CA LEU A 101 8.18 -3.87 -11.75
C LEU A 101 9.42 -2.99 -11.70
N ARG A 102 10.56 -3.61 -11.98
CA ARG A 102 11.85 -2.95 -11.95
C ARG A 102 12.61 -3.45 -13.17
N ASP A 103 13.27 -2.56 -13.89
CA ASP A 103 14.01 -2.96 -15.09
C ASP A 103 15.11 -3.98 -14.78
N ILE A 104 15.26 -4.94 -15.68
CA ILE A 104 16.29 -5.98 -15.54
C ILE A 104 17.65 -5.33 -15.60
N GLU A 105 18.63 -5.87 -14.87
CA GLU A 105 19.97 -5.30 -14.90
C GLU A 105 21.06 -6.35 -15.09
N MET B 8 14.74 8.53 -28.05
CA MET B 8 13.97 7.26 -27.91
C MET B 8 14.87 6.02 -27.93
N LYS B 9 14.53 5.05 -27.08
CA LYS B 9 15.26 3.80 -26.98
C LYS B 9 14.25 2.65 -26.91
N PRO B 10 14.56 1.52 -27.54
CA PRO B 10 13.65 0.37 -27.51
C PRO B 10 13.43 -0.01 -26.05
N HIS B 11 12.25 -0.52 -25.72
CA HIS B 11 11.99 -0.92 -24.34
C HIS B 11 12.67 -2.25 -24.02
N PRO B 12 13.73 -2.22 -23.20
CA PRO B 12 14.47 -3.41 -22.81
C PRO B 12 13.67 -4.47 -22.03
N TRP B 13 12.34 -4.32 -21.96
CA TRP B 13 11.55 -5.32 -21.26
C TRP B 13 10.74 -6.18 -22.21
N PHE B 14 10.70 -5.82 -23.49
CA PHE B 14 9.95 -6.61 -24.45
C PHE B 14 10.86 -7.68 -25.07
N PHE B 15 10.55 -8.94 -24.83
CA PHE B 15 11.37 -10.03 -25.35
C PHE B 15 10.84 -10.83 -26.53
N GLY B 16 9.73 -10.39 -27.12
CA GLY B 16 9.18 -11.13 -28.25
C GLY B 16 8.78 -12.54 -27.85
N LYS B 17 8.94 -13.49 -28.77
CA LYS B 17 8.57 -14.87 -28.50
C LYS B 17 9.70 -15.72 -27.93
N ILE B 18 9.68 -15.94 -26.62
CA ILE B 18 10.69 -16.76 -25.97
C ILE B 18 9.95 -17.72 -25.04
N PRO B 19 10.43 -18.96 -24.92
CA PRO B 19 9.79 -19.96 -24.06
C PRO B 19 9.61 -19.49 -22.62
N ARG B 20 8.51 -19.90 -22.00
CA ARG B 20 8.28 -19.55 -20.61
C ARG B 20 9.49 -19.97 -19.78
N ALA B 21 9.97 -21.19 -20.01
CA ALA B 21 11.09 -21.73 -19.27
C ALA B 21 12.34 -20.85 -19.37
N LYS B 22 12.63 -20.34 -20.56
CA LYS B 22 13.81 -19.49 -20.74
C LYS B 22 13.66 -18.17 -19.99
N ALA B 23 12.43 -17.68 -19.87
CA ALA B 23 12.17 -16.44 -19.15
C ALA B 23 12.46 -16.64 -17.65
N GLU B 24 12.07 -17.79 -17.11
CA GLU B 24 12.32 -18.08 -15.69
C GLU B 24 13.81 -18.20 -15.45
N GLU B 25 14.45 -19.00 -16.30
CA GLU B 25 15.88 -19.23 -16.22
C GLU B 25 16.62 -17.90 -16.18
N MET B 26 16.25 -17.01 -17.10
CA MET B 26 16.87 -15.69 -17.20
C MET B 26 16.58 -14.82 -15.98
N LEU B 27 15.31 -14.71 -15.60
CA LEU B 27 14.92 -13.89 -14.45
C LEU B 27 15.39 -14.41 -13.09
N SER B 28 15.53 -15.72 -12.95
CA SER B 28 15.96 -16.29 -11.69
C SER B 28 17.39 -15.86 -11.32
N LYS B 29 18.15 -15.42 -12.32
CA LYS B 29 19.52 -14.98 -12.10
C LYS B 29 19.58 -13.53 -11.62
N GLN B 30 18.47 -12.81 -11.78
CA GLN B 30 18.37 -11.42 -11.36
C GLN B 30 18.45 -11.37 -9.85
N ARG B 31 18.94 -10.26 -9.31
CA ARG B 31 19.06 -10.15 -7.87
C ARG B 31 18.02 -9.29 -7.16
N HIS B 32 17.29 -8.47 -7.92
CA HIS B 32 16.26 -7.61 -7.33
C HIS B 32 14.83 -8.06 -7.63
N ASP B 33 14.04 -8.30 -6.59
CA ASP B 33 12.66 -8.69 -6.79
C ASP B 33 12.02 -7.64 -7.71
N GLY B 34 11.18 -8.08 -8.63
CA GLY B 34 10.54 -7.13 -9.53
C GLY B 34 11.13 -7.11 -10.92
N ALA B 35 12.35 -7.66 -11.08
CA ALA B 35 12.98 -7.72 -12.39
C ALA B 35 11.92 -8.40 -13.24
N PHE B 36 11.54 -7.76 -14.35
CA PHE B 36 10.48 -8.31 -15.18
C PHE B 36 10.73 -8.23 -16.68
N LEU B 37 9.85 -8.88 -17.43
CA LEU B 37 9.91 -8.84 -18.89
C LEU B 37 8.55 -9.16 -19.44
N ILE B 38 8.26 -8.63 -20.62
CA ILE B 38 7.01 -8.89 -21.30
C ILE B 38 7.41 -9.82 -22.44
N ARG B 39 6.64 -10.88 -22.64
CA ARG B 39 6.92 -11.82 -23.71
C ARG B 39 5.61 -12.19 -24.42
N GLU B 40 5.74 -12.73 -25.63
CA GLU B 40 4.58 -13.12 -26.40
C GLU B 40 4.39 -14.60 -26.09
N SER B 41 3.25 -14.92 -25.49
CA SER B 41 2.96 -16.30 -25.11
C SER B 41 3.04 -17.25 -26.30
N GLU B 42 3.51 -18.48 -26.03
CA GLU B 42 3.60 -19.49 -27.07
C GLU B 42 2.41 -20.43 -26.93
N SER B 43 2.02 -20.68 -25.68
CA SER B 43 0.90 -21.57 -25.40
C SER B 43 -0.43 -20.92 -25.73
N ALA B 44 -0.46 -19.59 -25.68
CA ALA B 44 -1.68 -18.84 -25.98
C ALA B 44 -1.40 -17.79 -27.05
N PRO B 45 -1.23 -18.23 -28.31
CA PRO B 45 -0.96 -17.35 -29.45
C PRO B 45 -1.79 -16.07 -29.44
N GLY B 46 -1.11 -14.93 -29.52
CA GLY B 46 -1.80 -13.66 -29.55
C GLY B 46 -1.80 -12.92 -28.23
N ASP B 47 -1.49 -13.63 -27.14
CA ASP B 47 -1.46 -13.02 -25.81
C ASP B 47 -0.04 -12.65 -25.37
N PHE B 48 0.05 -11.74 -24.41
CA PHE B 48 1.33 -11.32 -23.86
C PHE B 48 1.35 -11.85 -22.44
N SER B 49 2.54 -12.15 -21.94
CA SER B 49 2.69 -12.63 -20.58
C SER B 49 3.75 -11.81 -19.86
N LEU B 50 3.51 -11.55 -18.59
CA LEU B 50 4.43 -10.80 -17.77
C LEU B 50 5.13 -11.81 -16.85
N SER B 51 6.45 -11.80 -16.91
CA SER B 51 7.26 -12.69 -16.07
C SER B 51 8.04 -11.80 -15.09
N VAL B 52 7.96 -12.13 -13.81
CA VAL B 52 8.60 -11.31 -12.77
C VAL B 52 9.31 -12.15 -11.72
N LYS B 53 10.48 -11.69 -11.29
CA LYS B 53 11.23 -12.38 -10.25
C LYS B 53 10.75 -11.94 -8.89
N PHE B 54 10.57 -12.91 -7.99
CA PHE B 54 10.18 -12.62 -6.63
C PHE B 54 10.63 -13.75 -5.72
N GLY B 55 11.65 -13.46 -4.91
CA GLY B 55 12.17 -14.48 -4.03
C GLY B 55 12.84 -15.55 -4.83
N ASN B 56 12.63 -16.81 -4.45
CA ASN B 56 13.25 -17.92 -5.16
C ASN B 56 12.42 -18.38 -6.37
N ASP B 57 11.36 -17.63 -6.68
CA ASP B 57 10.51 -17.99 -7.80
C ASP B 57 10.46 -16.93 -8.89
N VAL B 58 9.74 -17.27 -9.96
CA VAL B 58 9.50 -16.37 -11.06
C VAL B 58 8.00 -16.54 -11.30
N GLN B 59 7.26 -15.45 -11.21
CA GLN B 59 5.82 -15.49 -11.43
C GLN B 59 5.46 -15.00 -12.83
N HIS B 60 4.37 -15.53 -13.36
CA HIS B 60 3.89 -15.19 -14.67
C HIS B 60 2.46 -14.68 -14.56
N PHE B 61 2.17 -13.59 -15.27
CA PHE B 61 0.84 -13.01 -15.27
C PHE B 61 0.41 -12.91 -16.71
N LYS B 62 -0.83 -13.30 -16.98
CA LYS B 62 -1.36 -13.20 -18.32
C LYS B 62 -1.89 -11.78 -18.49
N VAL B 63 -1.54 -11.12 -19.59
CA VAL B 63 -2.04 -9.77 -19.82
C VAL B 63 -3.43 -9.90 -20.40
N LEU B 64 -4.43 -9.45 -19.65
CA LEU B 64 -5.80 -9.55 -20.09
C LEU B 64 -6.25 -8.41 -21.01
N ARG B 65 -7.36 -8.64 -21.70
CA ARG B 65 -7.91 -7.66 -22.63
C ARG B 65 -9.42 -7.64 -22.52
N ASP B 66 -10.03 -6.59 -23.04
CA ASP B 66 -11.48 -6.50 -23.04
C ASP B 66 -11.84 -6.22 -24.50
N GLY B 67 -13.14 -6.21 -24.79
CA GLY B 67 -13.57 -5.97 -26.16
C GLY B 67 -13.00 -4.70 -26.78
N ALA B 68 -12.67 -3.71 -25.95
CA ALA B 68 -12.14 -2.45 -26.44
C ALA B 68 -10.64 -2.48 -26.70
N GLY B 69 -10.00 -3.61 -26.43
CA GLY B 69 -8.57 -3.71 -26.67
C GLY B 69 -7.70 -3.20 -25.53
N LYS B 70 -8.30 -3.00 -24.36
CA LYS B 70 -7.55 -2.52 -23.20
C LYS B 70 -6.66 -3.65 -22.67
N TYR B 71 -5.60 -3.27 -21.96
CA TYR B 71 -4.68 -4.22 -21.35
C TYR B 71 -4.80 -4.04 -19.83
N PHE B 72 -4.90 -5.14 -19.09
CA PHE B 72 -5.00 -5.09 -17.63
C PHE B 72 -4.65 -6.44 -17.01
N LEU B 73 -4.18 -6.41 -15.77
CA LEU B 73 -3.81 -7.63 -15.06
C LEU B 73 -4.93 -8.15 -14.18
N TRP B 74 -5.71 -7.23 -13.62
CA TRP B 74 -6.78 -7.63 -12.73
C TRP B 74 -8.07 -6.84 -12.95
N VAL B 75 -9.17 -7.48 -12.55
CA VAL B 75 -10.51 -6.91 -12.61
C VAL B 75 -10.94 -7.01 -11.15
N VAL B 76 -10.83 -5.92 -10.41
CA VAL B 76 -11.20 -5.96 -8.99
C VAL B 76 -12.57 -5.34 -8.76
N LYS B 77 -13.54 -6.18 -8.41
CA LYS B 77 -14.90 -5.74 -8.13
C LYS B 77 -15.43 -6.52 -6.94
N PHE B 78 -16.57 -6.11 -6.39
CA PHE B 78 -17.11 -6.78 -5.21
C PHE B 78 -18.60 -7.06 -5.33
N ASN B 79 -19.10 -8.00 -4.53
CA ASN B 79 -20.50 -8.37 -4.55
C ASN B 79 -21.36 -7.50 -3.64
N SER B 80 -20.72 -6.88 -2.65
CA SER B 80 -21.45 -6.04 -1.70
C SER B 80 -20.68 -4.76 -1.38
N LEU B 81 -21.36 -3.83 -0.70
CA LEU B 81 -20.73 -2.59 -0.30
C LEU B 81 -19.75 -2.89 0.84
N ASN B 82 -20.12 -3.83 1.71
CA ASN B 82 -19.24 -4.17 2.83
C ASN B 82 -17.93 -4.77 2.34
N GLU B 83 -17.98 -5.54 1.26
CA GLU B 83 -16.78 -6.14 0.70
C GLU B 83 -15.90 -5.03 0.12
N LEU B 84 -16.51 -4.07 -0.57
CA LEU B 84 -15.78 -2.95 -1.13
C LEU B 84 -15.14 -2.14 0.01
N VAL B 85 -15.88 -1.95 1.09
CA VAL B 85 -15.39 -1.21 2.25
C VAL B 85 -14.14 -1.86 2.84
N ASP B 86 -14.19 -3.17 3.07
CA ASP B 86 -13.05 -3.84 3.66
C ASP B 86 -11.82 -3.73 2.77
N TYR B 87 -12.02 -3.90 1.47
CA TYR B 87 -10.93 -3.82 0.53
C TYR B 87 -10.20 -2.49 0.66
N HIS B 88 -10.96 -1.40 0.62
CA HIS B 88 -10.39 -0.07 0.71
C HIS B 88 -9.91 0.38 2.09
N ARG B 89 -9.85 -0.55 3.03
CA ARG B 89 -9.33 -0.23 4.35
C ARG B 89 -7.81 -0.34 4.19
N SER B 90 -7.37 -1.16 3.23
CA SER B 90 -5.94 -1.34 2.98
C SER B 90 -5.51 -0.96 1.55
N THR B 91 -6.47 -0.67 0.67
CA THR B 91 -6.14 -0.21 -0.69
C THR B 91 -6.82 1.16 -0.89
N SER B 92 -6.05 2.14 -1.35
CA SER B 92 -6.58 3.50 -1.55
C SER B 92 -7.82 3.57 -2.41
N VAL B 93 -8.74 4.46 -2.04
CA VAL B 93 -9.98 4.67 -2.78
C VAL B 93 -9.75 5.75 -3.83
N SER B 94 -8.57 6.38 -3.75
CA SER B 94 -8.20 7.44 -4.67
C SER B 94 -7.04 7.01 -5.56
N ARG B 95 -7.03 7.50 -6.78
CA ARG B 95 -5.95 7.14 -7.70
C ARG B 95 -4.73 8.07 -7.58
N ASN B 96 -4.96 9.33 -7.21
CA ASN B 96 -3.86 10.28 -7.07
C ASN B 96 -3.40 10.46 -5.65
N GLN B 97 -4.14 9.90 -4.70
CA GLN B 97 -3.78 10.04 -3.30
C GLN B 97 -3.88 8.72 -2.56
N GLN B 98 -3.28 8.66 -1.38
CA GLN B 98 -3.32 7.45 -0.57
C GLN B 98 -4.31 7.63 0.59
N ILE B 99 -5.57 7.31 0.32
CA ILE B 99 -6.61 7.44 1.31
C ILE B 99 -7.17 6.06 1.67
N PHE B 100 -7.15 5.76 2.97
CA PHE B 100 -7.62 4.46 3.46
C PHE B 100 -8.83 4.61 4.37
N LEU B 101 -9.88 3.87 4.06
CA LEU B 101 -11.09 3.93 4.85
C LEU B 101 -10.86 3.47 6.29
N ARG B 102 -11.37 4.23 7.23
CA ARG B 102 -11.28 3.88 8.63
C ARG B 102 -12.53 4.40 9.32
N ASP B 103 -13.11 3.56 10.16
CA ASP B 103 -14.35 3.86 10.86
C ASP B 103 -14.43 5.21 11.57
N ILE B 104 -15.60 5.83 11.49
CA ILE B 104 -15.84 7.10 12.15
C ILE B 104 -15.83 6.81 13.65
N GLU B 105 -15.12 7.65 14.40
CA GLU B 105 -15.06 7.47 15.84
C GLU B 105 -15.81 8.61 16.53
N MET C 8 -18.72 2.20 24.00
CA MET C 8 -17.42 1.48 23.84
C MET C 8 -17.56 -0.03 23.80
N LYS C 9 -16.62 -0.68 23.13
CA LYS C 9 -16.61 -2.13 23.03
C LYS C 9 -15.15 -2.59 23.17
N PRO C 10 -14.92 -3.70 23.89
CA PRO C 10 -13.55 -4.20 24.07
C PRO C 10 -12.99 -4.52 22.68
N HIS C 11 -11.69 -4.76 22.58
CA HIS C 11 -11.11 -5.07 21.30
C HIS C 11 -11.12 -6.58 21.03
N PRO C 12 -11.77 -7.00 19.94
CA PRO C 12 -11.90 -8.38 19.51
C PRO C 12 -10.59 -9.03 19.12
N TRP C 13 -9.49 -8.29 19.26
CA TRP C 13 -8.21 -8.86 18.91
C TRP C 13 -7.33 -9.29 20.08
N PHE C 14 -7.64 -8.84 21.29
CA PHE C 14 -6.83 -9.22 22.45
C PHE C 14 -7.37 -10.55 23.01
N PHE C 15 -6.55 -11.59 22.97
CA PHE C 15 -6.98 -12.91 23.45
C PHE C 15 -6.36 -13.38 24.76
N GLY C 16 -5.59 -12.52 25.41
CA GLY C 16 -4.98 -12.92 26.65
C GLY C 16 -3.95 -14.00 26.45
N LYS C 17 -3.87 -14.91 27.41
CA LYS C 17 -2.90 -16.00 27.36
C LYS C 17 -3.50 -17.25 26.70
N ILE C 18 -2.93 -17.62 25.56
CA ILE C 18 -3.38 -18.81 24.82
C ILE C 18 -2.18 -19.41 24.09
N PRO C 19 -2.16 -20.72 23.95
CA PRO C 19 -1.03 -21.36 23.26
C PRO C 19 -0.84 -20.93 21.80
N ARG C 20 0.42 -20.82 21.40
CA ARG C 20 0.76 -20.46 20.04
C ARG C 20 0.00 -21.40 19.09
N ALA C 21 -0.05 -22.68 19.47
CA ALA C 21 -0.72 -23.69 18.65
C ALA C 21 -2.21 -23.40 18.48
N LYS C 22 -2.87 -22.97 19.55
CA LYS C 22 -4.29 -22.67 19.46
C LYS C 22 -4.51 -21.43 18.60
N ALA C 23 -3.55 -20.52 18.64
CA ALA C 23 -3.67 -19.32 17.84
C ALA C 23 -3.61 -19.71 16.35
N GLU C 24 -2.72 -20.62 16.01
CA GLU C 24 -2.58 -21.06 14.63
C GLU C 24 -3.81 -21.79 14.16
N GLU C 25 -4.27 -22.74 14.98
CA GLU C 25 -5.45 -23.51 14.66
C GLU C 25 -6.66 -22.62 14.36
N MET C 26 -6.92 -21.65 15.22
CA MET C 26 -8.05 -20.76 15.03
C MET C 26 -7.92 -19.85 13.81
N LEU C 27 -6.73 -19.26 13.63
CA LEU C 27 -6.49 -18.36 12.51
C LEU C 27 -6.44 -19.04 11.15
N SER C 28 -6.00 -20.30 11.11
CA SER C 28 -5.93 -21.00 9.82
C SER C 28 -7.34 -21.28 9.29
N LYS C 29 -8.35 -21.09 10.14
CA LYS C 29 -9.73 -21.31 9.74
C LYS C 29 -10.35 -20.04 9.18
N GLN C 30 -9.68 -18.90 9.34
CA GLN C 30 -10.20 -17.64 8.82
C GLN C 30 -10.06 -17.66 7.30
N ARG C 31 -10.86 -16.86 6.62
CA ARG C 31 -10.81 -16.84 5.17
C ARG C 31 -10.04 -15.67 4.56
N HIS C 32 -9.71 -14.68 5.37
CA HIS C 32 -8.98 -13.52 4.86
C HIS C 32 -7.58 -13.34 5.39
N ASP C 33 -6.65 -13.07 4.48
CA ASP C 33 -5.28 -12.81 4.92
C ASP C 33 -5.42 -11.56 5.79
N GLY C 34 -4.59 -11.46 6.82
CA GLY C 34 -4.68 -10.30 7.68
C GLY C 34 -5.42 -10.58 8.97
N ALA C 35 -6.28 -11.60 8.99
CA ALA C 35 -7.02 -11.95 10.22
C ALA C 35 -5.97 -12.17 11.29
N PHE C 36 -6.12 -11.47 12.42
CA PHE C 36 -5.11 -11.56 13.46
C PHE C 36 -5.66 -11.51 14.86
N LEU C 37 -4.75 -11.61 15.82
CA LEU C 37 -5.04 -11.52 17.24
C LEU C 37 -3.74 -11.20 17.96
N ILE C 38 -3.87 -10.55 19.12
CA ILE C 38 -2.72 -10.23 19.95
C ILE C 38 -2.90 -11.18 21.12
N ARG C 39 -1.82 -11.82 21.55
CA ARG C 39 -1.89 -12.74 22.67
C ARG C 39 -0.73 -12.51 23.60
N GLU C 40 -0.87 -12.99 24.82
CA GLU C 40 0.20 -12.85 25.81
C GLU C 40 1.08 -14.09 25.67
N SER C 41 2.32 -13.89 25.27
CA SER C 41 3.26 -14.99 25.06
C SER C 41 3.41 -15.86 26.31
N GLU C 42 3.51 -17.18 26.09
CA GLU C 42 3.68 -18.11 27.20
C GLU C 42 5.17 -18.46 27.29
N SER C 43 5.83 -18.44 26.13
CA SER C 43 7.24 -18.75 26.06
C SER C 43 8.06 -17.60 26.62
N ALA C 44 7.58 -16.37 26.40
CA ALA C 44 8.25 -15.19 26.91
C ALA C 44 7.28 -14.37 27.75
N PRO C 45 7.12 -14.74 29.04
CA PRO C 45 6.21 -14.04 29.96
C PRO C 45 6.49 -12.53 29.98
N GLY C 46 5.42 -11.74 29.84
CA GLY C 46 5.57 -10.30 29.85
C GLY C 46 5.57 -9.72 28.44
N ASP C 47 5.78 -10.57 27.45
CA ASP C 47 5.79 -10.13 26.07
C ASP C 47 4.46 -10.44 25.39
N PHE C 48 4.15 -9.65 24.37
CA PHE C 48 2.95 -9.86 23.60
C PHE C 48 3.36 -10.38 22.22
N SER C 49 2.53 -11.23 21.65
CA SER C 49 2.80 -11.79 20.33
C SER C 49 1.63 -11.51 19.40
N LEU C 50 1.95 -11.25 18.14
CA LEU C 50 0.95 -10.99 17.10
C LEU C 50 0.86 -12.23 16.19
N SER C 51 -0.34 -12.78 16.07
CA SER C 51 -0.53 -13.94 15.20
C SER C 51 -1.43 -13.52 14.05
N VAL C 52 -0.99 -13.79 12.82
CA VAL C 52 -1.71 -13.37 11.63
C VAL C 52 -1.81 -14.40 10.53
N LYS C 53 -2.94 -14.37 9.84
CA LYS C 53 -3.19 -15.27 8.74
C LYS C 53 -2.63 -14.75 7.41
N PHE C 54 -1.95 -15.63 6.68
CA PHE C 54 -1.44 -15.28 5.37
C PHE C 54 -1.33 -16.56 4.54
N GLY C 55 -2.26 -16.72 3.62
CA GLY C 55 -2.27 -17.91 2.78
C GLY C 55 -2.62 -19.12 3.62
N ASN C 56 -1.80 -20.17 3.52
CA ASN C 56 -2.02 -21.40 4.27
C ASN C 56 -1.09 -21.43 5.47
N ASP C 57 -0.68 -20.25 5.92
CA ASP C 57 0.20 -20.15 7.07
C ASP C 57 -0.31 -19.13 8.07
N VAL C 58 0.26 -19.19 9.26
CA VAL C 58 -0.06 -18.26 10.32
C VAL C 58 1.31 -17.77 10.72
N GLN C 59 1.51 -16.45 10.67
CA GLN C 59 2.79 -15.89 11.04
C GLN C 59 2.71 -15.33 12.45
N HIS C 60 3.83 -15.37 13.16
CA HIS C 60 3.90 -14.86 14.52
C HIS C 60 4.98 -13.79 14.61
N PHE C 61 4.61 -12.65 15.19
CA PHE C 61 5.52 -11.53 15.37
C PHE C 61 5.61 -11.23 16.85
N LYS C 62 6.82 -10.95 17.33
CA LYS C 62 7.00 -10.61 18.72
C LYS C 62 6.83 -9.10 18.79
N VAL C 63 6.02 -8.62 19.73
CA VAL C 63 5.86 -7.17 19.86
C VAL C 63 7.07 -6.71 20.66
N LEU C 64 7.89 -5.85 20.07
CA LEU C 64 9.09 -5.39 20.72
C LEU C 64 8.87 -4.12 21.54
N ARG C 65 9.75 -3.90 22.52
CA ARG C 65 9.67 -2.73 23.39
C ARG C 65 11.04 -2.06 23.48
N ASP C 66 11.08 -0.80 23.88
CA ASP C 66 12.36 -0.13 24.04
C ASP C 66 12.45 0.38 25.47
N GLY C 67 13.57 1.00 25.80
CA GLY C 67 13.75 1.52 27.16
C GLY C 67 12.65 2.48 27.57
N ALA C 68 12.04 3.14 26.59
CA ALA C 68 10.97 4.10 26.88
C ALA C 68 9.62 3.42 27.01
N GLY C 69 9.55 2.14 26.68
CA GLY C 69 8.30 1.42 26.78
C GLY C 69 7.43 1.47 25.52
N LYS C 70 8.01 1.87 24.41
CA LYS C 70 7.27 1.94 23.16
C LYS C 70 7.03 0.53 22.64
N TYR C 71 6.07 0.41 21.73
CA TYR C 71 5.74 -0.86 21.12
C TYR C 71 6.06 -0.77 19.63
N PHE C 72 6.65 -1.83 19.09
CA PHE C 72 6.96 -1.85 17.67
C PHE C 72 7.28 -3.25 17.12
N LEU C 73 7.16 -3.40 15.81
CA LEU C 73 7.45 -4.68 15.18
C LEU C 73 8.82 -4.64 14.51
N TRP C 74 9.20 -3.49 13.98
CA TRP C 74 10.49 -3.39 13.32
C TRP C 74 11.25 -2.12 13.67
N VAL C 75 12.57 -2.18 13.51
CA VAL C 75 13.44 -1.03 13.72
C VAL C 75 13.67 -0.49 12.29
N VAL C 76 13.12 0.70 12.01
CA VAL C 76 13.22 1.30 10.69
C VAL C 76 14.48 2.16 10.46
N LYS C 77 15.64 1.52 10.33
CA LYS C 77 16.91 2.21 10.09
C LYS C 77 17.58 1.64 8.84
N PHE C 78 18.37 2.46 8.15
CA PHE C 78 19.03 2.02 6.92
C PHE C 78 20.48 2.44 6.77
N ASN C 79 21.22 1.72 5.93
CA ASN C 79 22.64 1.99 5.69
C ASN C 79 22.86 2.78 4.41
N SER C 80 21.78 3.22 3.77
CA SER C 80 21.91 3.99 2.53
C SER C 80 20.59 4.64 2.11
N LEU C 81 20.68 5.65 1.26
CA LEU C 81 19.50 6.34 0.78
C LEU C 81 18.63 5.40 -0.06
N ASN C 82 19.26 4.45 -0.73
CA ASN C 82 18.51 3.50 -1.55
C ASN C 82 17.68 2.55 -0.69
N GLU C 83 18.29 2.05 0.38
CA GLU C 83 17.59 1.15 1.30
C GLU C 83 16.39 1.90 1.87
N LEU C 84 16.60 3.19 2.18
CA LEU C 84 15.57 4.06 2.73
C LEU C 84 14.46 4.30 1.71
N VAL C 85 14.83 4.77 0.53
CA VAL C 85 13.87 5.04 -0.53
C VAL C 85 12.99 3.84 -0.84
N ASP C 86 13.60 2.68 -1.04
CA ASP C 86 12.82 1.48 -1.35
C ASP C 86 11.91 1.04 -0.21
N TYR C 87 12.36 1.20 1.03
CA TYR C 87 11.53 0.80 2.15
C TYR C 87 10.31 1.71 2.22
N HIS C 88 10.53 3.00 2.10
CA HIS C 88 9.44 3.96 2.18
C HIS C 88 8.55 4.04 0.95
N ARG C 89 8.43 2.92 0.26
CA ARG C 89 7.55 2.82 -0.89
C ARG C 89 6.31 2.09 -0.37
N SER C 90 6.48 1.40 0.77
CA SER C 90 5.40 0.66 1.41
C SER C 90 5.26 1.03 2.89
N THR C 91 5.96 2.07 3.30
CA THR C 91 5.89 2.56 4.69
C THR C 91 5.99 4.08 4.61
N SER C 92 5.02 4.76 5.20
CA SER C 92 4.98 6.22 5.16
C SER C 92 6.26 6.89 5.64
N VAL C 93 6.58 8.04 5.05
CA VAL C 93 7.76 8.81 5.41
C VAL C 93 7.38 9.79 6.52
N SER C 94 6.08 9.87 6.80
CA SER C 94 5.58 10.75 7.83
C SER C 94 4.79 9.99 8.91
N ARG C 95 4.96 10.41 10.16
CA ARG C 95 4.26 9.77 11.27
C ARG C 95 2.77 10.14 11.30
N ASN C 96 2.46 11.40 11.02
CA ASN C 96 1.09 11.88 11.08
C ASN C 96 0.26 11.77 9.80
N GLN C 97 0.92 11.49 8.69
CA GLN C 97 0.22 11.35 7.41
C GLN C 97 0.86 10.20 6.67
N GLN C 98 0.04 9.45 5.93
CA GLN C 98 0.53 8.32 5.16
C GLN C 98 1.00 8.77 3.79
N ILE C 99 2.31 8.69 3.57
CA ILE C 99 2.88 9.11 2.32
C ILE C 99 3.90 8.09 1.84
N PHE C 100 3.51 7.34 0.81
CA PHE C 100 4.37 6.32 0.23
C PHE C 100 5.08 6.91 -0.99
N LEU C 101 6.39 6.73 -1.06
CA LEU C 101 7.19 7.26 -2.15
C LEU C 101 6.89 6.69 -3.53
N ARG C 102 6.69 7.58 -4.48
CA ARG C 102 6.43 7.21 -5.86
C ARG C 102 7.43 7.95 -6.72
N ASP C 103 7.91 7.32 -7.78
CA ASP C 103 8.88 7.98 -8.65
C ASP C 103 8.26 9.13 -9.43
N ILE C 104 9.00 10.22 -9.54
CA ILE C 104 8.52 11.37 -10.30
C ILE C 104 8.24 10.88 -11.70
N GLU C 105 7.08 11.21 -12.25
CA GLU C 105 6.77 10.78 -13.61
C GLU C 105 6.69 12.01 -14.50
N HIS D 11 20.35 6.78 -9.83
CA HIS D 11 19.07 7.04 -9.09
C HIS D 11 18.33 8.20 -9.74
N PRO D 12 17.19 7.90 -10.40
CA PRO D 12 16.37 8.93 -11.07
C PRO D 12 15.62 9.81 -10.08
N TRP D 13 15.88 9.61 -8.79
CA TRP D 13 15.23 10.40 -7.75
C TRP D 13 16.21 11.27 -6.97
N PHE D 14 17.49 11.18 -7.33
CA PHE D 14 18.50 12.00 -6.67
C PHE D 14 18.87 13.14 -7.59
N PHE D 15 18.61 14.37 -7.16
CA PHE D 15 18.90 15.54 -7.97
C PHE D 15 20.02 16.44 -7.45
N GLY D 16 20.87 15.87 -6.60
CA GLY D 16 22.00 16.60 -6.06
C GLY D 16 21.76 17.95 -5.42
N LYS D 17 22.30 19.00 -6.05
CA LYS D 17 22.19 20.34 -5.50
C LYS D 17 20.98 21.18 -5.91
N ILE D 18 19.95 20.57 -6.47
CA ILE D 18 18.75 21.33 -6.84
C ILE D 18 18.26 22.06 -5.57
N PRO D 19 17.88 23.34 -5.70
CA PRO D 19 17.40 24.13 -4.55
C PRO D 19 16.01 23.72 -4.04
N ARG D 20 15.74 24.02 -2.78
CA ARG D 20 14.45 23.69 -2.18
C ARG D 20 13.32 24.29 -3.04
N ALA D 21 13.54 25.50 -3.54
CA ALA D 21 12.55 26.17 -4.37
C ALA D 21 12.25 25.38 -5.64
N LYS D 22 13.29 24.92 -6.33
CA LYS D 22 13.09 24.17 -7.57
C LYS D 22 12.46 22.80 -7.33
N ALA D 23 12.75 22.20 -6.19
CA ALA D 23 12.16 20.90 -5.86
C ALA D 23 10.64 21.10 -5.75
N GLU D 24 10.21 22.19 -5.11
CA GLU D 24 8.78 22.44 -4.97
C GLU D 24 8.16 22.73 -6.33
N GLU D 25 8.86 23.53 -7.12
CA GLU D 25 8.44 23.92 -8.46
C GLU D 25 8.21 22.65 -9.30
N MET D 26 9.17 21.76 -9.24
CA MET D 26 9.14 20.50 -9.96
C MET D 26 8.10 19.52 -9.43
N LEU D 27 7.96 19.41 -8.11
CA LEU D 27 7.02 18.47 -7.50
C LEU D 27 5.55 18.91 -7.50
N SER D 28 5.31 20.22 -7.44
CA SER D 28 3.93 20.71 -7.41
C SER D 28 3.16 20.36 -8.68
N LYS D 29 3.88 20.06 -9.76
CA LYS D 29 3.26 19.70 -11.03
C LYS D 29 2.93 18.22 -11.15
N GLN D 30 3.50 17.40 -10.27
CA GLN D 30 3.22 15.95 -10.30
C GLN D 30 1.76 15.68 -9.98
N ARG D 31 1.22 14.58 -10.48
CA ARG D 31 -0.18 14.25 -10.25
C ARG D 31 -0.43 13.36 -9.03
N HIS D 32 0.53 12.52 -8.69
CA HIS D 32 0.35 11.62 -7.56
C HIS D 32 1.01 12.07 -6.27
N ASP D 33 0.35 11.80 -5.15
CA ASP D 33 0.89 12.10 -3.84
C ASP D 33 1.99 11.05 -3.64
N GLY D 34 3.11 11.48 -3.08
CA GLY D 34 4.21 10.55 -2.88
C GLY D 34 5.33 10.82 -3.87
N ALA D 35 5.05 11.56 -4.94
CA ALA D 35 6.07 11.89 -5.94
C ALA D 35 7.17 12.58 -5.14
N PHE D 36 8.40 12.09 -5.28
CA PHE D 36 9.50 12.64 -4.50
C PHE D 36 10.81 12.74 -5.25
N LEU D 37 11.80 13.30 -4.56
CA LEU D 37 13.16 13.46 -5.06
C LEU D 37 14.02 13.67 -3.82
N ILE D 38 15.30 13.33 -3.92
CA ILE D 38 16.24 13.53 -2.83
C ILE D 38 17.25 14.57 -3.32
N ARG D 39 17.64 15.48 -2.44
CA ARG D 39 18.58 16.53 -2.81
C ARG D 39 19.50 16.85 -1.65
N GLU D 40 20.62 17.52 -1.96
CA GLU D 40 21.55 17.92 -0.91
C GLU D 40 20.89 19.07 -0.18
N SER D 41 20.79 18.97 1.13
CA SER D 41 20.16 20.00 1.95
C SER D 41 20.74 21.39 1.71
N GLU D 42 19.89 22.41 1.81
CA GLU D 42 20.32 23.79 1.64
C GLU D 42 20.80 24.35 2.97
N SER D 43 19.90 24.33 3.96
CA SER D 43 20.18 24.86 5.28
C SER D 43 21.16 24.03 6.09
N ALA D 44 21.43 22.80 5.64
CA ALA D 44 22.35 21.91 6.35
C ALA D 44 23.31 21.20 5.40
N PRO D 45 24.38 21.88 4.98
CA PRO D 45 25.38 21.32 4.05
C PRO D 45 25.86 19.96 4.52
N GLY D 46 25.99 19.02 3.59
CA GLY D 46 26.43 17.68 3.94
C GLY D 46 25.28 16.71 4.13
N ASP D 47 24.15 17.22 4.62
CA ASP D 47 22.97 16.38 4.85
C ASP D 47 22.11 16.26 3.59
N PHE D 48 21.12 15.38 3.65
CA PHE D 48 20.23 15.17 2.53
C PHE D 48 18.80 15.57 2.91
N SER D 49 18.02 15.94 1.90
CA SER D 49 16.64 16.35 2.12
C SER D 49 15.72 15.63 1.15
N LEU D 50 14.55 15.24 1.65
CA LEU D 50 13.54 14.57 0.83
C LEU D 50 12.37 15.53 0.61
N SER D 51 12.03 15.77 -0.64
CA SER D 51 10.92 16.65 -0.99
C SER D 51 9.86 15.75 -1.62
N VAL D 52 8.62 15.89 -1.17
CA VAL D 52 7.55 15.05 -1.66
C VAL D 52 6.20 15.77 -1.76
N LYS D 53 5.48 15.46 -2.83
CA LYS D 53 4.17 16.07 -3.07
C LYS D 53 3.08 15.42 -2.22
N PHE D 54 2.19 16.26 -1.68
CA PHE D 54 1.08 15.78 -0.87
C PHE D 54 -0.03 16.83 -0.90
N GLY D 55 -1.13 16.50 -1.58
CA GLY D 55 -2.23 17.44 -1.68
C GLY D 55 -1.82 18.65 -2.51
N ASN D 56 -2.15 19.84 -2.01
CA ASN D 56 -1.83 21.07 -2.72
C ASN D 56 -0.42 21.55 -2.37
N ASP D 57 0.27 20.81 -1.51
CA ASP D 57 1.60 21.20 -1.06
C ASP D 57 2.73 20.25 -1.46
N VAL D 58 3.93 20.63 -1.02
CA VAL D 58 5.11 19.82 -1.22
C VAL D 58 5.74 19.83 0.17
N GLN D 59 6.01 18.63 0.70
CA GLN D 59 6.60 18.53 2.01
C GLN D 59 8.09 18.22 1.92
N HIS D 60 8.85 18.68 2.89
CA HIS D 60 10.29 18.47 2.94
C HIS D 60 10.62 17.77 4.24
N PHE D 61 11.38 16.68 4.14
CA PHE D 61 11.79 15.91 5.30
C PHE D 61 13.32 15.87 5.33
N LYS D 62 13.90 16.09 6.51
CA LYS D 62 15.35 16.03 6.63
C LYS D 62 15.68 14.55 6.76
N VAL D 63 16.77 14.10 6.15
CA VAL D 63 17.15 12.70 6.27
C VAL D 63 17.93 12.62 7.57
N LEU D 64 17.34 11.97 8.55
CA LEU D 64 17.97 11.83 9.86
C LEU D 64 18.99 10.71 9.90
N ARG D 65 19.89 10.81 10.87
CA ARG D 65 20.93 9.83 11.07
C ARG D 65 21.15 9.63 12.55
N ASP D 66 21.39 8.39 12.97
CA ASP D 66 21.60 8.08 14.38
C ASP D 66 23.07 7.92 14.72
N GLY D 67 23.34 7.76 16.01
CA GLY D 67 24.71 7.60 16.49
C GLY D 67 25.54 6.55 15.79
N ALA D 68 24.91 5.70 15.00
CA ALA D 68 25.62 4.64 14.29
C ALA D 68 25.66 4.88 12.78
N GLY D 69 25.29 6.09 12.36
CA GLY D 69 25.32 6.40 10.94
C GLY D 69 24.17 5.87 10.10
N LYS D 70 23.10 5.43 10.76
CA LYS D 70 21.93 4.91 10.03
C LYS D 70 21.15 6.09 9.42
N TYR D 71 20.31 5.79 8.44
CA TYR D 71 19.47 6.80 7.80
C TYR D 71 18.01 6.47 8.13
N PHE D 72 17.24 7.48 8.49
CA PHE D 72 15.83 7.28 8.80
C PHE D 72 15.07 8.61 8.74
N LEU D 73 13.75 8.53 8.62
CA LEU D 73 12.90 9.71 8.53
C LEU D 73 12.15 9.98 9.83
N TRP D 74 11.74 8.91 10.49
CA TRP D 74 11.05 8.98 11.77
C TRP D 74 11.10 7.60 12.42
N VAL D 75 10.93 7.56 13.74
CA VAL D 75 10.96 6.32 14.49
C VAL D 75 9.57 5.70 14.55
N VAL D 76 9.36 4.63 13.79
CA VAL D 76 8.05 3.97 13.76
C VAL D 76 7.82 3.16 15.03
N LYS D 77 7.38 3.84 16.09
CA LYS D 77 7.10 3.20 17.38
C LYS D 77 5.76 3.67 17.92
N PHE D 78 5.17 2.89 18.83
CA PHE D 78 3.86 3.25 19.35
C PHE D 78 3.72 3.24 20.87
N ASN D 79 2.79 4.07 21.35
CA ASN D 79 2.51 4.24 22.77
C ASN D 79 1.58 3.18 23.31
N SER D 80 1.07 2.32 22.43
CA SER D 80 0.17 1.26 22.87
C SER D 80 0.03 0.17 21.83
N LEU D 81 -0.52 -0.96 22.25
CA LEU D 81 -0.74 -2.08 21.36
C LEU D 81 -1.86 -1.64 20.45
N ASN D 82 -2.77 -0.86 21.01
CA ASN D 82 -3.93 -0.37 20.26
C ASN D 82 -3.51 0.48 19.06
N GLU D 83 -2.50 1.33 19.24
CA GLU D 83 -2.05 2.16 18.12
C GLU D 83 -1.17 1.38 17.13
N LEU D 84 -0.44 0.38 17.64
CA LEU D 84 0.41 -0.45 16.79
C LEU D 84 -0.50 -1.22 15.86
N VAL D 85 -1.56 -1.81 16.43
CA VAL D 85 -2.54 -2.57 15.68
C VAL D 85 -3.21 -1.72 14.60
N ASP D 86 -3.80 -0.60 15.00
CA ASP D 86 -4.48 0.28 14.05
C ASP D 86 -3.58 0.78 12.94
N TYR D 87 -2.32 1.08 13.26
CA TYR D 87 -1.38 1.55 12.25
C TYR D 87 -1.18 0.49 11.19
N HIS D 88 -1.11 -0.77 11.61
CA HIS D 88 -0.90 -1.87 10.68
C HIS D 88 -2.15 -2.40 9.99
N ARG D 89 -3.23 -1.63 10.08
CA ARG D 89 -4.45 -2.00 9.39
C ARG D 89 -4.35 -1.48 7.94
N SER D 90 -3.51 -0.46 7.75
CA SER D 90 -3.34 0.11 6.43
C SER D 90 -1.87 0.15 6.03
N THR D 91 -1.02 -0.48 6.84
CA THR D 91 0.41 -0.56 6.55
C THR D 91 0.79 -1.97 6.93
N SER D 92 1.25 -2.72 5.93
CA SER D 92 1.64 -4.12 6.10
C SER D 92 2.68 -4.36 7.19
N VAL D 93 2.57 -5.52 7.86
CA VAL D 93 3.52 -5.91 8.91
C VAL D 93 4.70 -6.61 8.25
N SER D 94 4.55 -6.91 6.97
CA SER D 94 5.60 -7.57 6.21
C SER D 94 6.05 -6.66 5.08
N ARG D 95 7.32 -6.79 4.71
CA ARG D 95 7.92 -6.00 3.65
C ARG D 95 7.62 -6.58 2.27
N ASN D 96 7.72 -7.90 2.18
CA ASN D 96 7.50 -8.61 0.93
C ASN D 96 6.05 -9.04 0.67
N GLN D 97 5.32 -9.32 1.75
CA GLN D 97 3.93 -9.76 1.61
C GLN D 97 2.94 -8.70 2.07
N GLN D 98 1.75 -8.74 1.52
CA GLN D 98 0.71 -7.77 1.86
C GLN D 98 -0.13 -8.31 3.01
N ILE D 99 0.25 -7.94 4.22
CA ILE D 99 -0.47 -8.40 5.39
C ILE D 99 -0.98 -7.19 6.16
N PHE D 100 -2.25 -6.89 5.94
CA PHE D 100 -2.89 -5.78 6.61
C PHE D 100 -3.81 -6.37 7.66
N LEU D 101 -3.56 -5.99 8.92
CA LEU D 101 -4.36 -6.50 10.00
C LEU D 101 -5.83 -6.19 9.84
N ARG D 102 -6.67 -7.19 10.00
CA ARG D 102 -8.09 -7.00 9.90
C ARG D 102 -8.74 -7.89 10.94
N ASP D 103 -9.88 -7.45 11.46
CA ASP D 103 -10.58 -8.20 12.50
C ASP D 103 -10.98 -9.61 12.07
N ILE D 104 -10.91 -10.53 13.03
CA ILE D 104 -11.29 -11.91 12.79
C ILE D 104 -12.80 -11.93 12.49
N GLU D 105 -13.27 -12.94 11.79
CA GLU D 105 -14.69 -13.06 11.45
C GLU D 105 -15.28 -14.31 12.10
C ACE E 1 -18.49 14.97 -7.00
O ACE E 1 -18.32 14.91 -5.76
CH3 ACE E 1 -19.19 16.21 -7.61
N PTR E 2 -18.01 14.05 -7.82
CA PTR E 2 -17.37 12.85 -7.30
C PTR E 2 -15.98 12.75 -7.86
O PTR E 2 -15.76 12.96 -9.07
CB PTR E 2 -18.22 11.65 -7.68
CG PTR E 2 -19.64 11.78 -7.20
CD1 PTR E 2 -20.63 12.26 -8.04
CD2 PTR E 2 -20.01 11.40 -5.91
CE1 PTR E 2 -21.95 12.38 -7.60
CE2 PTR E 2 -21.32 11.50 -5.47
CZ PTR E 2 -22.29 12.00 -6.32
OH PTR E 2 -23.62 12.09 -5.92
P PTR E 2 -24.12 12.72 -4.59
O1P PTR E 2 -24.73 11.64 -3.78
O2P PTR E 2 -22.99 13.36 -3.86
O3P PTR E 2 -25.20 13.71 -4.90
N VAL E 3 -14.95 12.52 -7.05
CA VAL E 3 -13.53 12.36 -7.42
C VAL E 3 -13.32 11.36 -8.55
N ASN E 4 -14.16 10.32 -8.57
CA ASN E 4 -14.04 9.25 -9.56
C ASN E 4 -15.01 9.30 -10.75
N VAL E 5 -15.57 10.46 -11.04
CA VAL E 5 -16.51 10.57 -12.17
C VAL E 5 -16.17 11.74 -13.09
C ACE F 1 0.27 -19.87 -14.52
O ACE F 1 1.46 -19.50 -14.50
CH3 ACE F 1 -0.03 -21.37 -14.66
N PTR F 2 -0.75 -19.03 -14.41
CA PTR F 2 -0.60 -17.57 -14.25
C PTR F 2 -1.20 -17.12 -12.94
O PTR F 2 -2.34 -17.48 -12.62
CB PTR F 2 -1.30 -16.86 -15.41
CG PTR F 2 -0.77 -17.33 -16.75
CD1 PTR F 2 -1.39 -18.40 -17.40
CD2 PTR F 2 0.37 -16.76 -17.33
CE1 PTR F 2 -0.88 -18.91 -18.57
CE2 PTR F 2 0.90 -17.28 -18.50
CZ PTR F 2 0.26 -18.35 -19.12
OH PTR F 2 0.71 -18.88 -20.31
P PTR F 2 2.18 -18.87 -20.72
O1P PTR F 2 2.47 -17.65 -21.51
O2P PTR F 2 3.03 -18.88 -19.52
O3P PTR F 2 2.45 -20.01 -21.60
N VAL F 3 -0.39 -16.27 -12.08
CA VAL F 3 -0.95 -15.82 -10.80
C VAL F 3 -2.37 -15.25 -10.92
N ASN F 4 -2.63 -14.49 -11.97
CA ASN F 4 -3.94 -13.86 -12.16
C ASN F 4 -4.99 -14.60 -13.00
N VAL F 5 -4.89 -15.92 -13.11
CA VAL F 5 -5.89 -16.66 -13.89
C VAL F 5 -6.37 -17.92 -13.15
C ACE G 1 9.19 -17.36 15.60
O ACE G 1 7.98 -17.56 15.39
CH3 ACE G 1 10.06 -18.52 15.98
N PTR G 2 9.76 -16.16 15.47
CA PTR G 2 8.99 -14.96 15.12
C PTR G 2 9.52 -14.28 13.85
O PTR G 2 10.72 -14.09 13.68
CB PTR G 2 8.99 -13.99 16.29
CG PTR G 2 8.47 -14.62 17.55
CD1 PTR G 2 9.34 -15.22 18.47
CD2 PTR G 2 7.09 -14.67 17.82
CE1 PTR G 2 8.86 -15.85 19.61
CE2 PTR G 2 6.60 -15.30 18.96
CZ PTR G 2 7.49 -15.89 19.84
OH PTR G 2 7.05 -16.51 21.00
P PTR G 2 5.62 -17.09 21.19
O1P PTR G 2 4.75 -16.06 21.82
O2P PTR G 2 5.05 -17.53 19.88
O3P PTR G 2 5.70 -18.23 22.15
N VAL G 3 8.60 -13.82 12.86
CA VAL G 3 9.07 -13.20 11.60
C VAL G 3 10.06 -12.05 11.81
N ASN G 4 9.79 -11.21 12.81
CA ASN G 4 10.61 -10.03 13.10
C ASN G 4 11.72 -10.18 14.12
N VAL G 5 12.12 -11.41 14.42
CA VAL G 5 13.21 -11.63 15.36
C VAL G 5 14.23 -12.54 14.69
C ACE H 1 10.96 22.51 7.07
O ACE H 1 10.72 22.24 5.89
CH3 ACE H 1 11.07 23.99 7.46
N PTR H 2 11.13 21.57 8.01
CA PTR H 2 11.03 20.13 7.69
C PTR H 2 9.97 19.45 8.50
O PTR H 2 9.85 19.69 9.69
CB PTR H 2 12.36 19.43 7.90
CG PTR H 2 13.45 19.98 7.03
CD1 PTR H 2 14.23 21.00 7.51
CD2 PTR H 2 13.67 19.52 5.73
CE1 PTR H 2 15.23 21.54 6.73
CE2 PTR H 2 14.68 20.04 4.94
CZ PTR H 2 15.46 21.07 5.45
OH PTR H 2 16.52 21.61 4.76
P PTR H 2 16.46 22.19 3.36
O1P PTR H 2 17.33 21.36 2.51
O2P PTR H 2 15.04 22.22 2.88
O3P PTR H 2 17.02 23.56 3.36
N VAL H 3 9.27 18.52 7.81
CA VAL H 3 8.13 17.90 8.55
C VAL H 3 8.59 17.14 9.81
N ASN H 4 9.73 16.46 9.70
CA ASN H 4 10.25 15.69 10.82
C ASN H 4 11.28 16.42 11.69
N VAL H 5 11.14 17.73 11.82
CA VAL H 5 12.06 18.50 12.66
C VAL H 5 11.33 19.52 13.53
#